data_7ESC
#
_entry.id   7ESC
#
_cell.length_a   47.875
_cell.length_b   67.872
_cell.length_c   97.003
_cell.angle_alpha   90.000
_cell.angle_beta   90.000
_cell.angle_gamma   90.000
#
_symmetry.space_group_name_H-M   'P 21 21 21'
#
loop_
_entity.id
_entity.type
_entity.pdbx_description
1 polymer 'FAD:protein FMN transferase'
2 non-polymer 'ADENOSINE MONOPHOSPHATE'
3 non-polymer 'MAGNESIUM ION'
4 water water
#
_entity_poly.entity_id   1
_entity_poly.type   'polypeptide(L)'
_entity_poly.pdbx_seq_one_letter_code
;MNSSKETKSEPSDSKKLMDQPYSKTDFLMGTVVTLKIYDKGKEDVLDKGFDRIKDLAAKITTSDSEKTSEVDKINEQAGK
KPVKVSEDVYYLIQEGLKYSENSGGSFDITIGPLTSLWHIGFSDARKPSQAEIDAVLPLINYKDVKMNDKDQTVYLEKEG
MELDLGAIAKGFITDETLKVFKENKVTTSIIDLGGNIYVQGNNPNGNKWNVGIQDPFSPRGSVIGKLPESNMSIVTSGIY
ERYLEVDGKTYHHILDPKTGYPFDNDIAGVSIVSKKSIDGDGLSTATFSKGIKGGMDYIEQFEGVDAIFISKEKKVYETS
GLKGQFELTDKDFQMDTLKK
;
_entity_poly.pdbx_strand_id   A
#
loop_
_chem_comp.id
_chem_comp.type
_chem_comp.name
_chem_comp.formula
AMP non-polymer 'ADENOSINE MONOPHOSPHATE' 'C10 H14 N5 O7 P'
MG non-polymer 'MAGNESIUM ION' 'Mg 2'
#
# COMPACT_ATOMS: atom_id res chain seq x y z
N LYS A 16 -14.05 5.52 -28.48
CA LYS A 16 -15.43 5.14 -27.99
C LYS A 16 -15.46 5.36 -26.47
N LEU A 17 -15.28 6.62 -26.07
CA LEU A 17 -15.31 7.02 -24.65
C LEU A 17 -16.67 7.64 -24.32
N MET A 18 -17.16 7.34 -23.13
CA MET A 18 -18.34 8.02 -22.52
C MET A 18 -17.81 9.13 -21.62
N ASP A 19 -18.62 10.14 -21.35
CA ASP A 19 -18.30 11.21 -20.37
C ASP A 19 -18.57 10.69 -18.98
N GLN A 20 -19.68 9.99 -18.77
CA GLN A 20 -20.06 9.38 -17.49
C GLN A 20 -19.79 7.88 -17.52
N PRO A 21 -18.93 7.37 -16.62
CA PRO A 21 -18.43 5.99 -16.72
C PRO A 21 -19.33 4.93 -16.08
N TYR A 22 -19.19 3.71 -16.52
CA TYR A 22 -19.69 2.54 -15.76
C TYR A 22 -18.96 2.55 -14.42
N SER A 23 -19.67 2.34 -13.33
CA SER A 23 -19.13 2.52 -11.96
C SER A 23 -19.76 1.51 -11.02
N LYS A 24 -18.94 0.88 -10.21
CA LYS A 24 -19.39 -0.05 -9.16
C LYS A 24 -18.56 0.25 -7.92
N THR A 25 -19.23 0.32 -6.79
CA THR A 25 -18.55 0.49 -5.50
C THR A 25 -18.86 -0.70 -4.61
N ASP A 26 -17.84 -1.27 -3.99
CA ASP A 26 -18.00 -2.23 -2.87
C ASP A 26 -17.25 -1.66 -1.67
N PHE A 27 -17.20 -2.43 -0.59
CA PHE A 27 -16.45 -2.08 0.63
C PHE A 27 -15.80 -3.35 1.16
N LEU A 28 -14.54 -3.57 0.76
CA LEU A 28 -13.77 -4.79 1.08
C LEU A 28 -12.63 -4.42 2.02
N MET A 29 -12.14 -5.39 2.82
CA MET A 29 -10.92 -5.25 3.68
C MET A 29 -11.10 -4.06 4.64
N GLY A 30 -12.35 -3.71 4.96
CA GLY A 30 -12.67 -2.49 5.73
C GLY A 30 -12.38 -1.20 4.97
N THR A 31 -12.22 -1.23 3.64
CA THR A 31 -12.00 0.00 2.83
C THR A 31 -13.03 0.09 1.71
N VAL A 32 -13.38 1.34 1.35
CA VAL A 32 -14.35 1.63 0.26
C VAL A 32 -13.62 1.49 -1.05
N VAL A 33 -14.00 0.54 -1.88
CA VAL A 33 -13.35 0.31 -3.20
C VAL A 33 -14.31 0.78 -4.29
N THR A 34 -13.79 1.53 -5.25
CA THR A 34 -14.57 2.02 -6.42
C THR A 34 -13.79 1.81 -7.72
N LEU A 35 -14.46 1.26 -8.73
CA LEU A 35 -13.87 1.10 -10.08
C LEU A 35 -14.72 1.84 -11.09
N LYS A 36 -14.10 2.52 -12.04
CA LYS A 36 -14.84 3.37 -13.01
C LYS A 36 -14.20 3.20 -14.39
N ILE A 37 -15.00 2.89 -15.38
CA ILE A 37 -14.53 2.61 -16.75
C ILE A 37 -15.30 3.50 -17.71
N TYR A 38 -14.58 4.29 -18.49
CA TYR A 38 -15.16 5.31 -19.40
C TYR A 38 -15.32 4.75 -20.82
N ASP A 39 -15.32 3.42 -20.95
CA ASP A 39 -15.26 2.75 -22.27
C ASP A 39 -16.63 2.21 -22.59
N LYS A 40 -17.28 2.81 -23.59
CA LYS A 40 -18.58 2.33 -24.09
C LYS A 40 -18.52 0.82 -24.31
N GLY A 41 -19.48 0.10 -23.73
CA GLY A 41 -19.70 -1.34 -23.93
C GLY A 41 -18.96 -2.20 -22.93
N LYS A 42 -17.99 -1.66 -22.20
CA LYS A 42 -17.11 -2.47 -21.30
C LYS A 42 -17.68 -2.55 -19.88
N GLU A 43 -19.01 -2.63 -19.70
CA GLU A 43 -19.64 -2.62 -18.34
C GLU A 43 -19.29 -3.92 -17.59
N ASP A 44 -19.24 -5.04 -18.31
CA ASP A 44 -19.02 -6.39 -17.74
C ASP A 44 -17.63 -6.45 -17.13
N VAL A 45 -16.70 -5.58 -17.53
CA VAL A 45 -15.31 -5.64 -17.03
C VAL A 45 -15.28 -5.18 -15.57
N LEU A 46 -16.32 -4.48 -15.08
CA LEU A 46 -16.38 -4.09 -13.65
C LEU A 46 -16.43 -5.35 -12.78
N ASP A 47 -17.38 -6.26 -13.03
CA ASP A 47 -17.49 -7.54 -12.27
C ASP A 47 -16.20 -8.36 -12.43
N LYS A 48 -15.51 -8.27 -13.57
CA LYS A 48 -14.24 -9.01 -13.77
C LYS A 48 -13.18 -8.40 -12.84
N GLY A 49 -13.09 -7.07 -12.77
CA GLY A 49 -12.11 -6.41 -11.90
C GLY A 49 -12.34 -6.79 -10.46
N PHE A 50 -13.59 -6.77 -10.00
CA PHE A 50 -13.94 -7.03 -8.58
C PHE A 50 -13.68 -8.49 -8.25
N ASP A 51 -14.06 -9.42 -9.12
CA ASP A 51 -13.73 -10.86 -8.96
C ASP A 51 -12.23 -11.02 -8.74
N ARG A 52 -11.40 -10.34 -9.52
CA ARG A 52 -9.93 -10.49 -9.41
C ARG A 52 -9.47 -9.93 -8.05
N ILE A 53 -10.09 -8.84 -7.57
CA ILE A 53 -9.74 -8.22 -6.27
C ILE A 53 -10.10 -9.20 -5.15
N LYS A 54 -11.31 -9.74 -5.15
CA LYS A 54 -11.78 -10.65 -4.08
C LYS A 54 -10.98 -11.95 -4.11
N ASP A 55 -10.57 -12.42 -5.29
CA ASP A 55 -9.79 -13.69 -5.40
C ASP A 55 -8.40 -13.47 -4.84
N LEU A 56 -7.74 -12.38 -5.17
CA LEU A 56 -6.36 -12.14 -4.68
C LEU A 56 -6.45 -11.83 -3.18
N ALA A 57 -7.40 -11.00 -2.74
CA ALA A 57 -7.52 -10.57 -1.33
C ALA A 57 -7.69 -11.81 -0.46
N ALA A 58 -8.37 -12.86 -0.97
CA ALA A 58 -8.67 -14.09 -0.18
C ALA A 58 -7.41 -14.93 -0.08
N LYS A 59 -6.54 -14.89 -1.11
CA LYS A 59 -5.27 -15.66 -1.19
C LYS A 59 -4.25 -15.08 -0.21
N ILE A 60 -4.24 -13.76 -0.04
CA ILE A 60 -3.06 -13.05 0.58
C ILE A 60 -3.37 -12.58 1.99
N THR A 61 -4.63 -12.42 2.34
CA THR A 61 -5.00 -11.75 3.62
C THR A 61 -4.49 -12.57 4.81
N THR A 62 -4.11 -11.87 5.87
CA THR A 62 -3.76 -12.46 7.17
C THR A 62 -4.77 -12.03 8.23
N SER A 63 -5.85 -11.35 7.83
CA SER A 63 -6.97 -10.95 8.73
C SER A 63 -8.11 -11.94 8.59
N ASP A 64 -7.96 -12.94 7.70
CA ASP A 64 -8.96 -14.01 7.52
C ASP A 64 -9.18 -14.65 8.89
N SER A 65 -10.30 -14.36 9.55
CA SER A 65 -10.64 -14.92 10.88
C SER A 65 -10.73 -16.46 10.80
N GLU A 66 -11.04 -17.03 9.63
CA GLU A 66 -11.15 -18.50 9.42
C GLU A 66 -9.77 -19.14 9.26
N LYS A 67 -8.72 -18.37 8.95
CA LYS A 67 -7.36 -18.89 8.70
C LYS A 67 -7.39 -19.86 7.51
N THR A 68 -7.96 -19.43 6.40
CA THR A 68 -8.12 -20.23 5.17
C THR A 68 -7.21 -19.70 4.05
N SER A 69 -6.45 -18.62 4.28
CA SER A 69 -5.61 -17.95 3.25
C SER A 69 -4.36 -18.78 2.95
N GLU A 70 -3.74 -18.50 1.82
CA GLU A 70 -2.46 -19.17 1.43
C GLU A 70 -1.35 -18.69 2.38
N VAL A 71 -1.38 -17.41 2.77
CA VAL A 71 -0.40 -16.87 3.75
C VAL A 71 -0.74 -17.41 5.15
N ASP A 72 -2.02 -17.55 5.47
CA ASP A 72 -2.46 -18.09 6.76
C ASP A 72 -1.87 -19.48 6.95
N LYS A 73 -1.60 -20.22 5.86
CA LYS A 73 -1.08 -21.61 5.95
C LYS A 73 0.44 -21.59 6.10
N ILE A 74 1.12 -20.76 5.34
CA ILE A 74 2.59 -20.57 5.50
C ILE A 74 2.88 -20.19 6.95
N ASN A 75 2.13 -19.24 7.51
CA ASN A 75 2.28 -18.80 8.93
C ASN A 75 1.97 -19.97 9.87
N GLU A 76 1.18 -20.93 9.42
CA GLU A 76 0.74 -22.06 10.28
C GLU A 76 1.86 -23.11 10.34
N GLN A 77 2.56 -23.30 9.22
CA GLN A 77 3.62 -24.32 9.11
C GLN A 77 4.98 -23.71 9.38
N ALA A 78 5.05 -22.52 9.99
CA ALA A 78 6.31 -21.87 10.40
C ALA A 78 7.15 -22.85 11.21
N GLY A 79 8.33 -23.22 10.70
CA GLY A 79 9.23 -24.14 11.40
C GLY A 79 8.81 -25.61 11.30
N LYS A 80 8.04 -26.00 10.28
CA LYS A 80 7.59 -27.41 10.15
C LYS A 80 7.86 -27.90 8.74
N LYS A 81 7.10 -27.46 7.76
CA LYS A 81 7.30 -27.89 6.36
C LYS A 81 6.94 -26.75 5.42
N PRO A 82 7.55 -26.72 4.22
CA PRO A 82 7.15 -25.76 3.20
C PRO A 82 5.68 -25.93 2.78
N VAL A 83 5.14 -24.91 2.13
CA VAL A 83 3.71 -24.86 1.71
C VAL A 83 3.65 -24.47 0.24
N LYS A 84 2.98 -25.30 -0.55
CA LYS A 84 2.69 -24.98 -1.95
C LYS A 84 1.77 -23.77 -2.00
N VAL A 85 2.02 -22.89 -2.96
CA VAL A 85 1.22 -21.65 -3.11
C VAL A 85 0.94 -21.46 -4.60
N SER A 86 -0.14 -20.76 -4.91
CA SER A 86 -0.47 -20.33 -6.29
C SER A 86 0.60 -19.34 -6.80
N GLU A 87 0.51 -18.98 -8.06
CA GLU A 87 1.52 -18.14 -8.76
C GLU A 87 1.43 -16.71 -8.20
N ASP A 88 0.22 -16.24 -7.93
CA ASP A 88 -0.01 -14.87 -7.42
C ASP A 88 0.72 -14.71 -6.10
N VAL A 89 0.52 -15.68 -5.21
CA VAL A 89 1.09 -15.61 -3.84
C VAL A 89 2.60 -15.73 -3.95
N TYR A 90 3.06 -16.66 -4.78
CA TYR A 90 4.53 -16.91 -4.93
C TYR A 90 5.17 -15.64 -5.48
N TYR A 91 4.53 -15.00 -6.45
CA TYR A 91 5.09 -13.80 -7.10
C TYR A 91 5.08 -12.64 -6.10
N LEU A 92 3.99 -12.44 -5.37
CA LEU A 92 3.86 -11.31 -4.42
C LEU A 92 4.90 -11.44 -3.30
N ILE A 93 5.12 -12.64 -2.80
CA ILE A 93 6.11 -12.90 -1.73
C ILE A 93 7.48 -12.61 -2.31
N GLN A 94 7.73 -12.99 -3.55
CA GLN A 94 9.07 -12.81 -4.17
C GLN A 94 9.35 -11.32 -4.23
N GLU A 95 8.33 -10.53 -4.56
CA GLU A 95 8.51 -9.06 -4.66
C GLU A 95 8.65 -8.49 -3.25
N GLY A 96 7.89 -9.02 -2.28
CA GLY A 96 7.98 -8.61 -0.86
C GLY A 96 9.38 -8.79 -0.31
N LEU A 97 10.07 -9.85 -0.68
CA LEU A 97 11.47 -10.10 -0.25
C LEU A 97 12.38 -9.06 -0.89
N LYS A 98 12.16 -8.68 -2.16
CA LYS A 98 13.05 -7.74 -2.88
C LYS A 98 12.92 -6.37 -2.19
N TYR A 99 11.72 -5.92 -1.90
CA TYR A 99 11.51 -4.60 -1.24
C TYR A 99 12.16 -4.57 0.14
N SER A 100 12.37 -5.75 0.75
CA SER A 100 13.04 -5.83 2.07
C SER A 100 14.54 -5.58 1.89
N GLU A 101 15.12 -5.97 0.74
CA GLU A 101 16.55 -5.74 0.41
C GLU A 101 16.80 -4.24 0.21
N ASN A 102 16.03 -3.61 -0.65
CA ASN A 102 16.23 -2.19 -1.04
C ASN A 102 16.19 -1.27 0.19
N SER A 103 15.42 -1.66 1.22
CA SER A 103 15.04 -0.74 2.33
C SER A 103 16.27 -0.44 3.19
N GLY A 104 16.09 0.46 4.16
CA GLY A 104 17.14 0.77 5.14
C GLY A 104 17.00 -0.16 6.32
N GLY A 105 16.80 -1.46 6.07
CA GLY A 105 16.34 -2.40 7.10
C GLY A 105 14.99 -1.99 7.68
N SER A 106 14.19 -1.28 6.92
CA SER A 106 12.92 -0.69 7.37
C SER A 106 11.72 -1.57 6.98
N PHE A 107 11.82 -2.31 5.87
CA PHE A 107 10.67 -3.09 5.31
C PHE A 107 10.96 -4.58 5.44
N ASP A 108 9.97 -5.34 5.93
CA ASP A 108 10.13 -6.80 6.17
C ASP A 108 8.76 -7.46 6.20
N ILE A 109 8.51 -8.38 5.28
CA ILE A 109 7.18 -9.05 5.22
C ILE A 109 7.04 -10.03 6.40
N THR A 110 8.12 -10.36 7.11
CA THR A 110 8.03 -11.20 8.33
C THR A 110 7.75 -10.35 9.58
N ILE A 111 7.23 -9.14 9.41
CA ILE A 111 6.87 -8.27 10.56
C ILE A 111 5.56 -8.78 11.18
N GLY A 112 5.04 -9.88 10.64
CA GLY A 112 3.72 -10.42 11.00
C GLY A 112 3.53 -10.47 12.50
N PRO A 113 4.44 -11.11 13.25
CA PRO A 113 4.21 -11.24 14.68
C PRO A 113 4.04 -9.88 15.38
N LEU A 114 4.77 -8.84 14.93
CA LEU A 114 4.66 -7.50 15.57
C LEU A 114 3.35 -6.88 15.15
N THR A 115 2.99 -7.00 13.88
CA THR A 115 1.76 -6.36 13.37
C THR A 115 0.56 -7.11 13.95
N SER A 116 0.69 -8.41 14.16
CA SER A 116 -0.38 -9.21 14.83
C SER A 116 -0.54 -8.79 16.30
N LEU A 117 0.54 -8.34 16.93
CA LEU A 117 0.50 -7.92 18.35
C LEU A 117 -0.22 -6.57 18.48
N TRP A 118 0.29 -5.51 17.86
CA TRP A 118 -0.39 -4.20 17.81
C TRP A 118 -1.79 -4.42 17.25
N HIS A 119 -1.89 -5.10 16.11
CA HIS A 119 -3.14 -5.22 15.33
C HIS A 119 -3.84 -3.86 15.21
N ILE A 120 -3.11 -2.85 14.74
CA ILE A 120 -3.64 -1.48 14.50
C ILE A 120 -4.74 -1.55 13.43
N GLY A 121 -5.84 -0.84 13.69
CA GLY A 121 -6.98 -0.67 12.77
C GLY A 121 -8.02 -1.75 12.97
N PHE A 122 -7.83 -2.67 13.92
CA PHE A 122 -8.79 -3.78 14.17
C PHE A 122 -9.59 -3.46 15.43
N SER A 123 -10.70 -4.18 15.65
CA SER A 123 -11.54 -3.97 16.86
C SER A 123 -10.70 -4.16 18.14
N ASP A 124 -9.77 -5.12 18.14
CA ASP A 124 -8.94 -5.45 19.34
C ASP A 124 -7.57 -4.79 19.21
N ALA A 125 -7.51 -3.59 18.63
CA ALA A 125 -6.25 -2.83 18.52
C ALA A 125 -5.80 -2.42 19.92
N ARG A 126 -4.52 -2.60 20.22
CA ARG A 126 -3.99 -2.28 21.57
C ARG A 126 -2.54 -1.86 21.42
N LYS A 127 -2.05 -1.11 22.38
CA LYS A 127 -0.60 -0.85 22.50
C LYS A 127 -0.03 -1.94 23.39
N PRO A 128 0.68 -2.90 22.79
CA PRO A 128 1.24 -3.99 23.59
C PRO A 128 2.29 -3.45 24.55
N SER A 129 2.50 -4.13 25.67
CA SER A 129 3.60 -3.84 26.61
C SER A 129 4.96 -3.99 25.89
N GLN A 130 5.99 -3.39 26.48
CA GLN A 130 7.38 -3.53 26.01
C GLN A 130 7.81 -5.01 26.03
N ALA A 131 7.45 -5.76 27.06
CA ALA A 131 7.86 -7.17 27.22
C ALA A 131 7.30 -8.03 26.08
N GLU A 132 6.09 -7.74 25.64
CA GLU A 132 5.47 -8.50 24.52
C GLU A 132 6.22 -8.15 23.25
N ILE A 133 6.59 -6.88 23.08
CA ILE A 133 7.27 -6.39 21.84
C ILE A 133 8.66 -7.01 21.78
N ASP A 134 9.37 -7.05 22.90
CA ASP A 134 10.72 -7.65 22.97
C ASP A 134 10.64 -9.14 22.61
N ALA A 135 9.49 -9.78 22.79
CA ALA A 135 9.35 -11.23 22.54
C ALA A 135 9.27 -11.54 21.03
N VAL A 136 8.73 -10.63 20.23
CA VAL A 136 8.45 -10.89 18.78
C VAL A 136 9.54 -10.31 17.86
N LEU A 137 10.34 -9.34 18.31
CA LEU A 137 11.40 -8.67 17.50
C LEU A 137 12.36 -9.69 16.89
N PRO A 138 12.97 -10.61 17.66
CA PRO A 138 14.00 -11.47 17.07
C PRO A 138 13.46 -12.40 15.97
N LEU A 139 12.13 -12.47 15.79
CA LEU A 139 11.45 -13.37 14.81
C LEU A 139 11.34 -12.70 13.43
N ILE A 140 11.72 -11.43 13.35
CA ILE A 140 11.64 -10.60 12.11
C ILE A 140 12.96 -10.71 11.36
N ASN A 141 13.01 -11.56 10.34
CA ASN A 141 14.16 -11.67 9.39
C ASN A 141 13.66 -12.25 8.05
N TYR A 142 13.59 -11.42 7.01
CA TYR A 142 13.12 -11.80 5.67
C TYR A 142 14.07 -12.83 5.09
N LYS A 143 15.33 -12.84 5.52
CA LYS A 143 16.36 -13.81 5.05
C LYS A 143 16.04 -15.22 5.57
N ASP A 144 15.08 -15.37 6.47
CA ASP A 144 14.66 -16.67 7.04
C ASP A 144 13.48 -17.24 6.23
N VAL A 145 13.27 -16.74 5.02
CA VAL A 145 12.16 -17.18 4.14
C VAL A 145 12.83 -17.82 2.94
N LYS A 146 12.68 -19.12 2.81
CA LYS A 146 13.29 -19.86 1.69
C LYS A 146 12.17 -20.26 0.74
N MET A 147 12.35 -19.95 -0.53
CA MET A 147 11.40 -20.30 -1.59
C MET A 147 12.04 -21.34 -2.52
N ASN A 148 11.25 -22.33 -2.89
CA ASN A 148 11.61 -23.32 -3.92
C ASN A 148 10.86 -23.02 -5.22
N ASP A 149 11.59 -22.69 -6.28
CA ASP A 149 11.01 -22.34 -7.61
C ASP A 149 10.42 -23.60 -8.24
N LYS A 150 11.20 -24.67 -8.30
CA LYS A 150 10.78 -25.94 -8.93
C LYS A 150 9.62 -26.57 -8.16
N ASP A 151 9.34 -26.12 -6.94
CA ASP A 151 8.23 -26.69 -6.12
C ASP A 151 7.12 -25.66 -5.91
N GLN A 152 7.41 -24.39 -6.12
CA GLN A 152 6.46 -23.30 -5.78
C GLN A 152 6.02 -23.45 -4.32
N THR A 153 6.98 -23.61 -3.42
CA THR A 153 6.72 -23.67 -1.97
C THR A 153 7.42 -22.48 -1.29
N VAL A 154 6.75 -21.94 -0.29
CA VAL A 154 7.38 -20.93 0.61
C VAL A 154 7.47 -21.52 2.02
N TYR A 155 8.62 -21.44 2.65
CA TYR A 155 8.84 -21.99 4.00
C TYR A 155 9.41 -20.90 4.93
N LEU A 156 8.79 -20.71 6.10
CA LEU A 156 9.43 -19.96 7.19
C LEU A 156 10.25 -20.94 8.05
N GLU A 157 11.55 -20.68 8.22
CA GLU A 157 12.55 -21.63 8.76
C GLU A 157 12.42 -21.80 10.28
N LYS A 158 11.65 -20.96 10.98
CA LYS A 158 11.61 -20.98 12.47
C LYS A 158 10.19 -20.88 12.97
N GLU A 159 9.88 -21.61 14.04
CA GLU A 159 8.56 -21.54 14.69
C GLU A 159 8.31 -20.11 15.17
N GLY A 160 7.06 -19.69 15.04
CA GLY A 160 6.58 -18.38 15.49
C GLY A 160 6.65 -17.28 14.44
N MET A 161 7.45 -17.43 13.37
CA MET A 161 7.50 -16.43 12.28
C MET A 161 6.11 -16.32 11.62
N GLU A 162 5.76 -15.11 11.20
CA GLU A 162 4.53 -14.89 10.43
C GLU A 162 4.83 -13.94 9.27
N LEU A 163 4.20 -14.18 8.14
CA LEU A 163 4.19 -13.25 6.99
C LEU A 163 3.04 -12.26 7.18
N ASP A 164 3.32 -11.03 6.78
CA ASP A 164 2.31 -9.97 6.63
C ASP A 164 2.61 -9.26 5.32
N LEU A 165 1.67 -9.28 4.38
CA LEU A 165 1.86 -8.68 3.03
C LEU A 165 1.00 -7.44 2.91
N GLY A 166 0.41 -6.96 4.03
CA GLY A 166 -0.50 -5.81 4.02
C GLY A 166 0.14 -4.62 3.31
N ALA A 167 1.48 -4.48 3.40
CA ALA A 167 2.17 -3.25 2.92
C ALA A 167 2.15 -3.23 1.38
N ILE A 168 2.15 -4.39 0.72
CA ILE A 168 2.20 -4.46 -0.76
C ILE A 168 0.94 -5.09 -1.34
N ALA A 169 -0.01 -5.50 -0.52
CA ALA A 169 -1.24 -6.19 -0.99
C ALA A 169 -2.07 -5.34 -1.96
N LYS A 170 -2.51 -4.13 -1.55
CA LYS A 170 -3.35 -3.22 -2.38
C LYS A 170 -2.60 -2.81 -3.65
N GLY A 171 -1.31 -2.60 -3.57
CA GLY A 171 -0.50 -2.21 -4.75
C GLY A 171 -0.51 -3.33 -5.79
N PHE A 172 -0.30 -4.56 -5.37
CA PHE A 172 -0.26 -5.72 -6.29
C PHE A 172 -1.65 -5.89 -6.89
N ILE A 173 -2.69 -5.75 -6.05
CA ILE A 173 -4.09 -5.95 -6.50
C ILE A 173 -4.42 -4.89 -7.54
N THR A 174 -4.03 -3.64 -7.28
CA THR A 174 -4.32 -2.54 -8.20
C THR A 174 -3.67 -2.84 -9.56
N ASP A 175 -2.44 -3.30 -9.55
CA ASP A 175 -1.73 -3.62 -10.83
C ASP A 175 -2.44 -4.79 -11.52
N GLU A 176 -2.91 -5.78 -10.77
CA GLU A 176 -3.62 -6.95 -11.35
C GLU A 176 -4.97 -6.50 -11.84
N THR A 177 -5.56 -5.48 -11.22
CA THR A 177 -6.86 -4.95 -11.71
C THR A 177 -6.60 -4.26 -13.04
N LEU A 178 -5.53 -3.47 -13.10
CA LEU A 178 -5.12 -2.73 -14.32
C LEU A 178 -4.84 -3.73 -15.43
N LYS A 179 -4.23 -4.86 -15.13
CA LYS A 179 -3.91 -5.85 -16.21
C LYS A 179 -5.21 -6.55 -16.66
N VAL A 180 -6.09 -6.92 -15.74
CA VAL A 180 -7.42 -7.49 -16.12
C VAL A 180 -8.15 -6.48 -17.00
N PHE A 181 -7.98 -5.18 -16.73
CA PHE A 181 -8.67 -4.13 -17.50
C PHE A 181 -8.20 -4.14 -18.97
N LYS A 182 -6.90 -4.14 -19.20
CA LYS A 182 -6.34 -4.00 -20.56
C LYS A 182 -6.47 -5.30 -21.34
N GLU A 183 -6.62 -6.44 -20.67
CA GLU A 183 -6.93 -7.72 -21.36
C GLU A 183 -8.30 -7.59 -22.01
N ASN A 184 -9.18 -6.79 -21.42
CA ASN A 184 -10.49 -6.46 -22.01
C ASN A 184 -10.42 -5.13 -22.76
N LYS A 185 -9.24 -4.68 -23.17
CA LYS A 185 -9.05 -3.44 -24.00
C LYS A 185 -9.74 -2.22 -23.40
N VAL A 186 -9.77 -2.12 -22.08
CA VAL A 186 -10.15 -0.85 -21.42
C VAL A 186 -9.01 0.13 -21.62
N THR A 187 -9.34 1.32 -22.01
CA THR A 187 -8.35 2.40 -22.28
C THR A 187 -8.39 3.50 -21.20
N THR A 188 -9.53 3.71 -20.55
CA THR A 188 -9.75 4.94 -19.77
C THR A 188 -10.52 4.56 -18.51
N SER A 189 -9.88 4.65 -17.37
CA SER A 189 -10.46 4.10 -16.12
C SER A 189 -9.79 4.72 -14.92
N ILE A 190 -10.44 4.55 -13.78
CA ILE A 190 -9.88 4.91 -12.47
C ILE A 190 -10.08 3.72 -11.54
N ILE A 191 -9.00 3.30 -10.93
CA ILE A 191 -9.01 2.23 -9.91
C ILE A 191 -8.76 2.87 -8.55
N ASP A 192 -9.73 2.74 -7.64
CA ASP A 192 -9.61 3.38 -6.30
C ASP A 192 -9.74 2.31 -5.23
N LEU A 193 -8.65 1.94 -4.59
CA LEU A 193 -8.69 0.95 -3.46
C LEU A 193 -8.29 1.62 -2.15
N GLY A 194 -9.03 2.64 -1.71
CA GLY A 194 -8.71 3.40 -0.49
C GLY A 194 -7.52 4.31 -0.72
N GLY A 195 -6.34 3.95 -0.21
CA GLY A 195 -5.17 4.85 -0.38
C GLY A 195 -4.40 4.55 -1.65
N ASN A 196 -4.94 3.71 -2.54
CA ASN A 196 -4.26 3.32 -3.79
C ASN A 196 -5.16 3.74 -4.94
N ILE A 197 -4.62 4.57 -5.82
CA ILE A 197 -5.36 5.12 -6.99
C ILE A 197 -4.51 4.87 -8.23
N TYR A 198 -5.13 4.28 -9.25
CA TYR A 198 -4.53 4.25 -10.59
C TYR A 198 -5.44 4.96 -11.57
N VAL A 199 -4.88 5.90 -12.32
CA VAL A 199 -5.64 6.65 -13.36
C VAL A 199 -5.09 6.15 -14.68
N GLN A 200 -5.95 5.60 -15.51
CA GLN A 200 -5.56 5.03 -16.81
C GLN A 200 -5.98 5.97 -17.92
N GLY A 201 -5.07 6.20 -18.87
CA GLY A 201 -5.31 7.17 -19.97
C GLY A 201 -5.56 8.57 -19.44
N ASN A 202 -6.55 9.23 -20.00
CA ASN A 202 -6.81 10.65 -19.70
C ASN A 202 -8.29 10.79 -19.41
N ASN A 203 -8.62 11.90 -18.78
CA ASN A 203 -10.02 12.37 -18.72
C ASN A 203 -10.54 12.43 -20.15
N PRO A 204 -11.73 11.87 -20.47
CA PRO A 204 -12.31 11.97 -21.81
C PRO A 204 -12.18 13.35 -22.46
N ASN A 205 -12.20 14.42 -21.64
CA ASN A 205 -12.19 15.81 -22.14
C ASN A 205 -10.80 16.15 -22.70
N GLY A 206 -9.80 15.26 -22.52
CA GLY A 206 -8.46 15.37 -23.13
C GLY A 206 -7.41 15.80 -22.13
N ASN A 207 -7.81 16.42 -21.04
CA ASN A 207 -6.86 16.87 -19.99
C ASN A 207 -6.40 15.66 -19.20
N LYS A 208 -5.29 15.82 -18.47
CA LYS A 208 -4.84 14.77 -17.51
C LYS A 208 -5.90 14.58 -16.42
N TRP A 209 -5.78 13.48 -15.71
CA TRP A 209 -6.66 13.20 -14.56
C TRP A 209 -6.26 14.11 -13.42
N ASN A 210 -7.26 14.63 -12.70
CA ASN A 210 -7.00 15.40 -11.46
C ASN A 210 -7.01 14.49 -10.24
N VAL A 211 -5.85 14.25 -9.67
CA VAL A 211 -5.80 13.33 -8.51
C VAL A 211 -5.83 14.17 -7.24
N GLY A 212 -6.81 13.89 -6.37
CA GLY A 212 -6.88 14.35 -4.98
C GLY A 212 -5.69 13.89 -4.19
N ILE A 213 -4.93 14.83 -3.66
CA ILE A 213 -3.83 14.53 -2.72
C ILE A 213 -4.41 14.67 -1.31
N GLN A 214 -4.41 13.58 -0.59
CA GLN A 214 -5.16 13.47 0.69
C GLN A 214 -4.64 14.48 1.73
N ASP A 215 -5.57 15.05 2.49
CA ASP A 215 -5.28 15.82 3.73
C ASP A 215 -5.02 14.81 4.84
N PRO A 216 -3.78 14.65 5.33
CA PRO A 216 -3.50 13.62 6.33
C PRO A 216 -4.06 13.94 7.72
N PHE A 217 -4.84 15.03 7.87
CA PHE A 217 -5.47 15.44 9.15
C PHE A 217 -6.99 15.45 9.03
N SER A 218 -7.56 14.66 8.16
CA SER A 218 -9.02 14.66 7.91
C SER A 218 -9.45 13.28 7.45
N PRO A 219 -10.75 12.95 7.55
CA PRO A 219 -11.29 11.72 6.98
C PRO A 219 -10.79 11.50 5.55
N ARG A 220 -10.72 10.24 5.13
CA ARG A 220 -10.33 9.92 3.74
C ARG A 220 -11.29 10.64 2.80
N GLY A 221 -10.74 11.31 1.78
CA GLY A 221 -11.46 12.01 0.70
C GLY A 221 -11.25 13.52 0.80
N SER A 222 -10.95 14.00 2.00
CA SER A 222 -10.60 15.44 2.20
C SER A 222 -9.21 15.65 1.56
N VAL A 223 -9.10 16.57 0.61
CA VAL A 223 -7.84 16.79 -0.15
C VAL A 223 -7.34 18.22 0.10
N ILE A 224 -6.03 18.43 -0.02
CA ILE A 224 -5.39 19.76 0.10
C ILE A 224 -5.07 20.32 -1.30
N GLY A 225 -5.22 19.50 -2.32
CA GLY A 225 -4.84 19.93 -3.68
C GLY A 225 -4.88 18.78 -4.69
N LYS A 226 -4.90 19.15 -5.95
CA LYS A 226 -4.99 18.22 -7.09
C LYS A 226 -3.62 18.14 -7.76
N LEU A 227 -3.35 16.99 -8.37
CA LEU A 227 -2.09 16.72 -9.09
C LEU A 227 -2.45 16.10 -10.41
N PRO A 228 -2.13 16.80 -11.54
CA PRO A 228 -2.44 16.28 -12.85
C PRO A 228 -1.57 15.05 -13.14
N GLU A 229 -2.21 13.90 -13.31
CA GLU A 229 -1.49 12.65 -13.66
C GLU A 229 -2.26 11.90 -14.75
N SER A 230 -1.58 11.00 -15.43
CA SER A 230 -2.14 10.12 -16.49
C SER A 230 -1.31 8.85 -16.60
N ASN A 231 -1.95 7.71 -16.55
CA ASN A 231 -1.26 6.41 -16.57
C ASN A 231 -0.27 6.26 -15.38
N MET A 232 -0.69 6.57 -14.15
CA MET A 232 0.24 6.43 -12.99
C MET A 232 -0.54 5.96 -11.76
N SER A 233 0.22 5.48 -10.78
CA SER A 233 -0.31 5.11 -9.45
C SER A 233 0.02 6.22 -8.46
N ILE A 234 -0.96 6.54 -7.64
CA ILE A 234 -0.73 7.43 -6.47
C ILE A 234 -1.08 6.66 -5.22
N VAL A 235 -0.07 6.37 -4.39
CA VAL A 235 -0.27 5.59 -3.16
C VAL A 235 -0.05 6.54 -2.00
N THR A 236 -1.09 6.69 -1.19
CA THR A 236 -1.12 7.71 -0.11
C THR A 236 -0.90 6.99 1.22
N SER A 237 0.00 7.52 2.03
CA SER A 237 0.24 7.05 3.42
C SER A 237 0.02 8.22 4.37
N GLY A 238 -0.51 7.98 5.56
CA GLY A 238 -0.67 9.03 6.58
C GLY A 238 -0.69 8.52 7.99
N ILE A 239 -0.37 9.41 8.95
CA ILE A 239 -0.22 9.07 10.38
C ILE A 239 -1.60 8.97 11.00
N TYR A 240 -2.64 9.31 10.26
CA TYR A 240 -4.01 9.20 10.79
C TYR A 240 -4.90 8.36 9.86
N GLU A 241 -4.32 7.55 8.99
CA GLU A 241 -5.13 6.74 8.03
C GLU A 241 -5.81 5.62 8.78
N ARG A 242 -5.04 4.67 9.29
CA ARG A 242 -5.54 3.67 10.27
C ARG A 242 -4.65 3.75 11.49
N TYR A 243 -5.16 4.28 12.60
CA TYR A 243 -4.30 4.56 13.77
C TYR A 243 -5.01 4.10 15.05
N LEU A 244 -4.19 3.87 16.08
CA LEU A 244 -4.66 3.58 17.44
C LEU A 244 -4.41 4.78 18.36
N GLU A 245 -5.39 5.18 19.15
CA GLU A 245 -5.26 6.33 20.09
C GLU A 245 -5.42 5.84 21.52
N VAL A 246 -4.32 5.53 22.20
CA VAL A 246 -4.36 5.08 23.62
C VAL A 246 -3.68 6.14 24.50
N ASP A 247 -4.35 6.53 25.59
CA ASP A 247 -3.91 7.61 26.52
C ASP A 247 -3.65 8.91 25.74
N GLY A 248 -4.45 9.22 24.70
CA GLY A 248 -4.33 10.45 23.90
C GLY A 248 -2.99 10.54 23.18
N LYS A 249 -2.43 9.40 22.79
CA LYS A 249 -1.17 9.34 22.01
C LYS A 249 -1.44 8.42 20.81
N THR A 250 -1.05 8.81 19.60
CA THR A 250 -1.49 8.12 18.36
C THR A 250 -0.38 7.18 17.87
N TYR A 251 -0.78 6.01 17.37
CA TYR A 251 0.14 4.99 16.82
C TYR A 251 -0.39 4.59 15.44
N HIS A 252 0.34 4.93 14.38
CA HIS A 252 -0.07 4.55 13.01
C HIS A 252 0.48 3.17 12.63
N HIS A 253 0.07 2.65 11.49
CA HIS A 253 0.28 1.22 11.16
C HIS A 253 1.69 0.92 10.65
N ILE A 254 2.46 1.94 10.25
CA ILE A 254 3.82 1.69 9.71
C ILE A 254 4.81 1.55 10.86
N LEU A 255 5.19 0.32 11.17
CA LEU A 255 6.03 -0.02 12.35
C LEU A 255 7.49 -0.19 11.93
N ASP A 256 8.39 0.05 12.88
CA ASP A 256 9.87 -0.12 12.72
C ASP A 256 10.19 -1.51 13.21
N PRO A 257 10.59 -2.44 12.32
CA PRO A 257 10.80 -3.82 12.73
C PRO A 257 11.92 -3.95 13.78
N LYS A 258 12.79 -2.98 13.85
CA LYS A 258 13.99 -3.05 14.70
C LYS A 258 13.69 -2.42 16.06
N THR A 259 12.63 -1.63 16.19
CA THR A 259 12.24 -1.06 17.52
C THR A 259 10.89 -1.62 18.02
N GLY A 260 9.96 -1.94 17.13
CA GLY A 260 8.65 -2.50 17.48
C GLY A 260 7.58 -1.42 17.58
N TYR A 261 7.95 -0.15 17.43
CA TYR A 261 6.97 0.95 17.55
C TYR A 261 6.82 1.64 16.22
N PRO A 262 5.72 2.38 15.99
CA PRO A 262 5.59 3.17 14.78
C PRO A 262 6.76 4.16 14.55
N PHE A 263 7.02 4.46 13.28
CA PHE A 263 8.02 5.46 12.85
C PHE A 263 7.46 6.83 13.19
N ASP A 264 8.31 7.70 13.73
CA ASP A 264 7.87 9.04 14.23
C ASP A 264 8.90 10.05 13.77
N ASN A 265 8.53 10.89 12.82
CA ASN A 265 9.41 12.00 12.31
C ASN A 265 8.52 13.18 11.93
N ASP A 266 8.97 14.03 11.02
CA ASP A 266 8.24 15.26 10.61
C ASP A 266 7.15 14.93 9.58
N ILE A 267 7.11 13.71 9.08
CA ILE A 267 6.14 13.35 8.00
C ILE A 267 4.75 13.21 8.61
N ALA A 268 3.75 13.80 7.99
CA ALA A 268 2.32 13.54 8.27
C ALA A 268 1.68 12.75 7.12
N GLY A 269 2.00 13.07 5.87
CA GLY A 269 1.44 12.34 4.71
C GLY A 269 2.45 12.27 3.58
N VAL A 270 2.36 11.21 2.80
CA VAL A 270 3.14 11.09 1.53
C VAL A 270 2.29 10.38 0.47
N SER A 271 2.35 10.87 -0.77
CA SER A 271 1.72 10.25 -1.94
C SER A 271 2.81 9.96 -2.97
N ILE A 272 3.09 8.68 -3.20
CA ILE A 272 4.19 8.19 -4.07
C ILE A 272 3.60 7.97 -5.44
N VAL A 273 4.06 8.75 -6.40
CA VAL A 273 3.64 8.68 -7.82
C VAL A 273 4.60 7.72 -8.55
N SER A 274 4.09 6.63 -9.12
CA SER A 274 4.94 5.58 -9.78
C SER A 274 4.23 5.07 -11.02
N LYS A 275 4.90 4.24 -11.81
CA LYS A 275 4.19 3.50 -12.88
C LYS A 275 3.35 2.39 -12.26
N LYS A 276 3.93 1.58 -11.38
CA LYS A 276 3.23 0.43 -10.81
C LYS A 276 2.84 0.78 -9.39
N SER A 277 1.65 0.35 -9.01
CA SER A 277 1.09 0.65 -7.69
C SER A 277 1.82 -0.19 -6.65
N ILE A 278 2.28 -1.39 -7.02
CA ILE A 278 3.00 -2.25 -6.07
C ILE A 278 4.29 -1.54 -5.66
N ASP A 279 4.90 -0.76 -6.55
CA ASP A 279 6.15 -0.03 -6.20
C ASP A 279 5.81 1.12 -5.23
N GLY A 280 4.70 1.84 -5.43
CA GLY A 280 4.26 2.91 -4.51
C GLY A 280 4.04 2.34 -3.12
N ASP A 281 3.43 1.15 -3.07
CA ASP A 281 3.21 0.45 -1.78
C ASP A 281 4.58 0.02 -1.27
N GLY A 282 5.38 -0.61 -2.12
CA GLY A 282 6.68 -1.20 -1.70
C GLY A 282 7.67 -0.19 -1.16
N LEU A 283 7.84 0.98 -1.78
CA LEU A 283 8.81 1.99 -1.29
C LEU A 283 8.22 2.84 -0.14
N SER A 284 6.94 2.70 0.21
CA SER A 284 6.25 3.63 1.14
C SER A 284 6.92 3.58 2.51
N THR A 285 7.20 2.38 2.99
CA THR A 285 7.74 2.15 4.33
C THR A 285 9.11 2.82 4.47
N ALA A 286 10.03 2.50 3.56
CA ALA A 286 11.42 3.03 3.56
C ALA A 286 11.36 4.55 3.40
N THR A 287 10.51 5.06 2.52
CA THR A 287 10.33 6.51 2.32
C THR A 287 9.85 7.16 3.62
N PHE A 288 8.84 6.58 4.26
CA PHE A 288 8.24 7.13 5.50
C PHE A 288 9.28 7.10 6.61
N SER A 289 10.16 6.12 6.60
CA SER A 289 11.08 5.80 7.73
C SER A 289 12.15 6.88 7.81
N LYS A 290 12.42 7.59 6.72
CA LYS A 290 13.62 8.44 6.60
C LYS A 290 13.32 9.92 6.86
N GLY A 291 12.07 10.29 7.12
CA GLY A 291 11.73 11.70 7.35
C GLY A 291 11.47 12.44 6.06
N ILE A 292 11.04 13.70 6.16
CA ILE A 292 10.62 14.52 5.00
C ILE A 292 11.82 14.62 4.04
N LYS A 293 12.97 15.07 4.55
CA LYS A 293 14.15 15.42 3.74
C LYS A 293 14.97 14.18 3.45
N GLY A 294 15.11 13.30 4.42
CA GLY A 294 15.80 12.02 4.21
C GLY A 294 14.99 11.14 3.27
N GLY A 295 13.67 11.32 3.26
CA GLY A 295 12.78 10.54 2.41
C GLY A 295 12.65 11.13 1.03
N MET A 296 12.74 12.45 0.90
CA MET A 296 12.78 13.08 -0.43
C MET A 296 14.02 12.55 -1.16
N ASP A 297 15.17 12.45 -0.50
CA ASP A 297 16.45 12.06 -1.15
C ASP A 297 16.33 10.58 -1.57
N TYR A 298 15.62 9.77 -0.79
CA TYR A 298 15.44 8.33 -1.08
C TYR A 298 14.66 8.21 -2.40
N ILE A 299 13.68 9.09 -2.60
CA ILE A 299 12.80 9.02 -3.79
C ILE A 299 13.61 9.49 -5.01
N GLU A 300 14.60 10.36 -4.81
CA GLU A 300 15.39 10.93 -5.92
C GLU A 300 16.31 9.88 -6.52
N GLN A 301 16.55 8.77 -5.85
CA GLN A 301 17.41 7.68 -6.37
C GLN A 301 16.59 6.75 -7.27
N PHE A 302 15.26 6.87 -7.31
CA PHE A 302 14.41 5.97 -8.11
C PHE A 302 13.96 6.71 -9.36
N GLU A 303 14.46 6.31 -10.51
CA GLU A 303 14.02 6.88 -11.79
C GLU A 303 12.53 6.58 -12.01
N GLY A 304 11.75 7.60 -12.38
CA GLY A 304 10.31 7.46 -12.65
C GLY A 304 9.47 7.46 -11.38
N VAL A 305 10.08 7.43 -10.21
CA VAL A 305 9.31 7.51 -8.94
C VAL A 305 9.45 8.93 -8.38
N ASP A 306 8.33 9.54 -8.04
CA ASP A 306 8.30 10.85 -7.36
C ASP A 306 7.30 10.83 -6.18
N ALA A 307 7.25 11.91 -5.40
CA ALA A 307 6.45 11.94 -4.17
C ALA A 307 6.07 13.36 -3.79
N ILE A 308 4.94 13.48 -3.11
CA ILE A 308 4.52 14.70 -2.37
C ILE A 308 4.54 14.38 -0.88
N PHE A 309 5.34 15.11 -0.11
CA PHE A 309 5.41 14.99 1.35
C PHE A 309 4.63 16.14 1.96
N ILE A 310 3.95 15.82 3.05
CA ILE A 310 3.20 16.80 3.87
C ILE A 310 3.73 16.66 5.30
N SER A 311 4.42 17.69 5.78
CA SER A 311 5.04 17.67 7.12
C SER A 311 3.95 17.83 8.17
N LYS A 312 4.31 17.60 9.42
CA LYS A 312 3.41 17.76 10.57
C LYS A 312 3.09 19.25 10.76
N GLU A 313 3.91 20.14 10.22
CA GLU A 313 3.66 21.62 10.29
C GLU A 313 2.87 22.04 9.05
N LYS A 314 2.28 21.09 8.29
CA LYS A 314 1.38 21.38 7.15
C LYS A 314 2.16 22.09 6.03
N LYS A 315 3.44 21.78 5.86
CA LYS A 315 4.23 22.29 4.72
C LYS A 315 4.33 21.20 3.67
N VAL A 316 4.21 21.60 2.42
CA VAL A 316 4.14 20.64 1.30
C VAL A 316 5.44 20.72 0.50
N TYR A 317 5.98 19.58 0.13
CA TYR A 317 7.25 19.44 -0.59
C TYR A 317 7.03 18.51 -1.77
N GLU A 318 7.67 18.85 -2.88
CA GLU A 318 7.64 18.06 -4.13
C GLU A 318 9.02 17.44 -4.36
N THR A 319 9.08 16.26 -4.95
CA THR A 319 10.34 15.74 -5.51
C THR A 319 10.60 16.33 -6.90
N SER A 320 11.84 16.25 -7.32
CA SER A 320 12.38 17.05 -8.47
C SER A 320 11.49 16.83 -9.69
N GLY A 321 11.05 15.60 -9.93
CA GLY A 321 10.14 15.31 -11.08
C GLY A 321 8.72 15.87 -10.94
N LEU A 322 8.32 16.45 -9.82
CA LEU A 322 6.93 16.98 -9.68
C LEU A 322 6.94 18.46 -9.32
N LYS A 323 8.09 19.13 -9.42
CA LYS A 323 8.20 20.53 -8.94
C LYS A 323 7.22 21.39 -9.74
N GLY A 324 6.50 22.27 -9.05
CA GLY A 324 5.58 23.28 -9.62
C GLY A 324 4.40 22.64 -10.34
N GLN A 325 4.24 21.31 -10.28
CA GLN A 325 3.08 20.63 -10.93
C GLN A 325 1.89 20.49 -9.96
N PHE A 326 2.12 20.39 -8.65
CA PHE A 326 1.05 20.18 -7.66
C PHE A 326 0.30 21.49 -7.43
N GLU A 327 -1.02 21.43 -7.52
CA GLU A 327 -1.91 22.61 -7.37
C GLU A 327 -2.49 22.61 -5.96
N LEU A 328 -1.96 23.46 -5.10
CA LEU A 328 -2.33 23.57 -3.68
C LEU A 328 -3.60 24.39 -3.54
N THR A 329 -4.65 23.84 -2.94
CA THR A 329 -5.98 24.50 -2.87
C THR A 329 -6.52 24.58 -1.44
N ASP A 330 -5.74 24.18 -0.43
CA ASP A 330 -6.12 24.42 0.97
C ASP A 330 -5.11 25.43 1.50
N LYS A 331 -5.58 26.61 1.90
CA LYS A 331 -4.71 27.75 2.29
C LYS A 331 -4.07 27.48 3.65
N ASP A 332 -4.51 26.45 4.39
CA ASP A 332 -3.90 26.05 5.68
C ASP A 332 -2.54 25.42 5.43
N PHE A 333 -2.22 25.10 4.18
CA PHE A 333 -0.97 24.39 3.78
C PHE A 333 -0.10 25.29 2.92
N GLN A 334 1.22 25.24 3.12
CA GLN A 334 2.18 26.12 2.40
C GLN A 334 3.23 25.23 1.71
N MET A 335 3.78 25.71 0.59
CA MET A 335 4.86 25.04 -0.15
C MET A 335 6.25 25.54 0.29
N ASP A 336 7.24 24.66 0.28
CA ASP A 336 8.62 25.00 0.73
C ASP A 336 9.63 24.08 0.06
N THR A 337 10.91 24.30 0.34
CA THR A 337 12.03 23.52 -0.26
C THR A 337 12.72 22.64 0.80
P AMP B . 0.66 1.05 4.29
O1P AMP B . 0.72 0.81 2.79
O2P AMP B . 1.78 1.97 4.77
O3P AMP B . -0.73 1.51 4.74
O5' AMP B . 0.95 -0.43 4.92
C5' AMP B . 0.68 -0.69 6.31
C4' AMP B . 0.41 -2.17 6.54
O4' AMP B . 1.56 -2.96 6.13
C3' AMP B . 0.15 -2.57 7.99
O3' AMP B . -1.25 -2.72 8.24
C2' AMP B . 0.83 -3.93 8.14
O2' AMP B . -0.05 -4.96 7.76
C1' AMP B . 1.99 -3.82 7.16
N9 AMP B . 3.23 -3.26 7.70
C8 AMP B . 3.37 -2.28 8.65
N7 AMP B . 4.62 -1.94 8.87
C5 AMP B . 5.35 -2.77 8.06
C6 AMP B . 6.72 -2.90 7.84
N6 AMP B . 7.62 -2.16 8.46
N1 AMP B . 7.14 -3.82 6.93
C2 AMP B . 6.20 -4.54 6.30
N3 AMP B . 4.88 -4.51 6.43
C4 AMP B . 4.51 -3.58 7.33
H5'1 AMP B . -0.10 -0.17 6.61
H5'2 AMP B . 1.47 -0.42 6.86
H4' AMP B . -0.36 -2.42 5.98
H3' AMP B . 0.53 -1.91 8.62
HO3' AMP B . -1.27 -3.13 9.22
H2' AMP B . 1.16 -4.07 9.07
HO2' AMP B . 0.17 -5.73 7.68
H1' AMP B . 2.18 -4.70 6.79
H8 AMP B . 2.65 -1.85 9.06
HN61 AMP B . 8.47 -2.25 8.26
HN62 AMP B . 7.38 -1.58 9.07
H2 AMP B . 6.54 -5.18 5.68
MG MG C . 2.72 -0.01 2.21
#